data_1T1Z
#
_entry.id   1T1Z
#
_cell.length_a   55.650
_cell.length_b   78.690
_cell.length_c   56.930
_cell.angle_alpha   90.00
_cell.angle_beta   116.22
_cell.angle_gamma   90.00
#
_symmetry.space_group_name_H-M   'P 1 21 1'
#
loop_
_entity.id
_entity.type
_entity.pdbx_description
1 polymer 'HLA class I histocompatibility antigen, A-2 alpha chain'
2 polymer Beta-2-microglobulin
3 polymer 'GAG PEPTIDE'
4 water water
#
loop_
_entity_poly.entity_id
_entity_poly.type
_entity_poly.pdbx_seq_one_letter_code
_entity_poly.pdbx_strand_id
1 'polypeptide(L)'
;GSHSMRYFFTSVSRPGRGEPRFIAVGYVDDTQFVRFDSDAASQRMEPRAPWIEQEGPEYWDGETRKVKAHSQTHRVDLGT
LRGYYNQSEAGSHTVQRMYGCDVGSDWRFLRGYHQYAYDGKDYIALKEDLRSWTAADMAAQTTKHKWEAAHVAEQLRAYL
EGTCVEWLRRYLENGKETLQRTDAPKTHMTHHAVSDHEATLRCWALSFYPAEITLTWQRDGEDQTQDTELVETRPAGDGT
FQKWAAVVVPSGQEQRYTCHVQHEGLPKPLTLRWE
;
A
2 'polypeptide(L)'
;IQRTPKIQVYSRHPAENGKSNFLNCYVSGFHPSDIEVDLLKNGERIEKVEHSDLSFSKDWSFYLLYYTEFTPTEKDEYAC
RVNHVTLSQPKIVKWDRDM
;
B
3 'polypeptide(L)' ALYNTAAAL C
#
# COMPACT_ATOMS: atom_id res chain seq x y z
N GLY A 1 5.03 -20.93 0.85
CA GLY A 1 4.68 -19.81 1.78
C GLY A 1 5.81 -18.80 1.90
N SER A 2 6.07 -18.08 0.82
CA SER A 2 7.15 -17.09 0.81
C SER A 2 6.77 -15.84 1.62
N HIS A 3 7.78 -15.09 2.08
CA HIS A 3 7.48 -13.92 2.88
C HIS A 3 8.41 -12.82 2.51
N SER A 4 8.07 -11.60 2.92
CA SER A 4 8.94 -10.50 2.58
C SER A 4 8.94 -9.45 3.65
N MET A 5 10.01 -8.68 3.66
CA MET A 5 10.11 -7.54 4.58
C MET A 5 10.45 -6.40 3.65
N ARG A 6 9.75 -5.30 3.81
CA ARG A 6 10.02 -4.16 2.95
C ARG A 6 9.93 -2.87 3.71
N TYR A 7 10.81 -1.95 3.37
CA TYR A 7 10.79 -0.64 3.98
C TYR A 7 10.57 0.34 2.89
N PHE A 8 9.64 1.25 3.13
CA PHE A 8 9.29 2.28 2.15
C PHE A 8 9.62 3.61 2.78
N PHE A 9 10.30 4.46 2.02
CA PHE A 9 10.68 5.77 2.51
C PHE A 9 10.26 6.80 1.50
N THR A 10 9.66 7.87 1.99
CA THR A 10 9.23 8.97 1.14
C THR A 10 9.70 10.28 1.78
N SER A 11 10.40 11.11 1.00
CA SER A 11 10.85 12.40 1.50
C SER A 11 10.34 13.42 0.50
N VAL A 12 9.71 14.47 0.99
CA VAL A 12 9.16 15.51 0.16
C VAL A 12 9.77 16.82 0.61
N SER A 13 10.44 17.51 -0.30
CA SER A 13 11.03 18.78 0.06
C SER A 13 9.92 19.79 0.25
N ARG A 14 10.18 20.78 1.09
CA ARG A 14 9.20 21.83 1.33
C ARG A 14 9.99 23.13 1.27
N PRO A 15 10.24 23.63 0.07
CA PRO A 15 10.99 24.87 -0.13
C PRO A 15 10.55 26.11 0.64
N GLY A 16 9.27 26.22 0.96
CA GLY A 16 8.80 27.39 1.67
C GLY A 16 9.45 27.57 3.03
N ARG A 17 9.64 26.48 3.74
CA ARG A 17 10.27 26.56 5.05
C ARG A 17 10.52 25.18 5.63
N GLY A 18 11.68 25.02 6.24
CA GLY A 18 11.97 23.77 6.90
C GLY A 18 12.50 22.62 6.08
N GLU A 19 12.63 21.47 6.74
CA GLU A 19 13.18 20.27 6.13
C GLU A 19 12.11 19.44 5.45
N PRO A 20 12.54 18.46 4.65
CA PRO A 20 11.60 17.59 3.96
C PRO A 20 10.72 16.84 4.90
N ARG A 21 9.53 16.49 4.44
CA ARG A 21 8.62 15.66 5.22
C ARG A 21 9.21 14.27 4.95
N PHE A 22 9.41 13.48 5.99
CA PHE A 22 9.99 12.16 5.81
C PHE A 22 9.07 11.15 6.50
N ILE A 23 8.68 10.11 5.77
CA ILE A 23 7.79 9.10 6.32
C ILE A 23 8.37 7.77 5.92
N ALA A 24 8.58 6.89 6.90
CA ALA A 24 9.11 5.57 6.62
C ALA A 24 8.15 4.59 7.24
N VAL A 25 7.91 3.49 6.55
CA VAL A 25 7.03 2.48 7.07
C VAL A 25 7.72 1.16 6.78
N GLY A 26 7.53 0.21 7.69
CA GLY A 26 8.15 -1.09 7.50
C GLY A 26 7.01 -2.07 7.43
N TYR A 27 7.17 -3.09 6.60
CA TYR A 27 6.12 -4.09 6.44
C TYR A 27 6.70 -5.47 6.42
N VAL A 28 5.92 -6.44 6.91
CA VAL A 28 6.32 -7.83 6.77
C VAL A 28 5.09 -8.29 5.99
N ASP A 29 5.33 -8.77 4.77
CA ASP A 29 4.26 -9.16 3.87
C ASP A 29 3.32 -7.97 3.79
N ASP A 30 2.03 -8.18 4.06
CA ASP A 30 1.09 -7.08 3.97
C ASP A 30 0.76 -6.49 5.33
N THR A 31 1.66 -6.64 6.28
CA THR A 31 1.42 -6.11 7.62
C THR A 31 2.42 -5.02 7.97
N GLN A 32 1.95 -3.80 8.18
CA GLN A 32 2.86 -2.73 8.56
C GLN A 32 3.27 -3.01 10.01
N PHE A 33 4.52 -2.77 10.37
CA PHE A 33 4.92 -3.02 11.74
C PHE A 33 5.64 -1.86 12.42
N VAL A 34 6.23 -0.96 11.62
CA VAL A 34 6.88 0.22 12.19
C VAL A 34 6.62 1.43 11.30
N ARG A 35 6.91 2.60 11.83
CA ARG A 35 6.77 3.81 11.06
C ARG A 35 7.56 4.88 11.75
N PHE A 36 7.89 5.88 10.96
CA PHE A 36 8.58 7.04 11.45
C PHE A 36 8.03 8.17 10.63
N ASP A 37 7.58 9.21 11.31
CA ASP A 37 7.06 10.37 10.61
C ASP A 37 7.79 11.57 11.20
N SER A 38 8.54 12.29 10.37
CA SER A 38 9.28 13.46 10.85
C SER A 38 8.36 14.49 11.50
N ASP A 39 7.08 14.46 11.12
CA ASP A 39 6.05 15.37 11.60
C ASP A 39 5.48 14.96 12.96
N ALA A 40 5.72 13.71 13.36
CA ALA A 40 5.22 13.21 14.62
C ALA A 40 6.05 13.74 15.79
N ALA A 41 5.45 13.75 16.97
CA ALA A 41 6.09 14.26 18.17
C ALA A 41 7.19 13.39 18.75
N SER A 42 7.02 12.08 18.67
CA SER A 42 8.00 11.18 19.26
C SER A 42 9.41 11.30 18.65
N GLN A 43 9.48 11.53 17.34
CA GLN A 43 10.76 11.58 16.65
C GLN A 43 11.45 10.24 16.87
N ARG A 44 10.64 9.20 16.95
CA ARG A 44 11.16 7.85 17.13
C ARG A 44 10.47 6.91 16.15
N MET A 45 11.15 5.81 15.82
CA MET A 45 10.55 4.79 15.01
C MET A 45 9.49 4.30 16.00
N GLU A 46 8.27 4.06 15.51
CA GLU A 46 7.18 3.60 16.39
C GLU A 46 6.57 2.28 15.91
N PRO A 47 6.09 1.45 16.86
CA PRO A 47 5.46 0.17 16.54
C PRO A 47 4.07 0.37 15.94
N ARG A 48 3.71 -0.52 15.01
CA ARG A 48 2.41 -0.46 14.38
C ARG A 48 1.79 -1.84 14.32
N ALA A 49 2.45 -2.78 14.98
CA ALA A 49 1.97 -4.15 15.07
C ALA A 49 2.32 -4.60 16.48
N PRO A 50 1.40 -5.31 17.14
CA PRO A 50 1.65 -5.80 18.49
C PRO A 50 2.92 -6.61 18.66
N TRP A 51 3.18 -7.49 17.69
CA TRP A 51 4.34 -8.35 17.78
C TRP A 51 5.70 -7.64 17.73
N ILE A 52 5.75 -6.39 17.28
CA ILE A 52 7.04 -5.71 17.24
C ILE A 52 7.31 -5.03 18.59
N GLU A 53 6.26 -4.79 19.36
CA GLU A 53 6.44 -4.12 20.65
C GLU A 53 7.29 -4.95 21.61
N GLN A 54 7.42 -6.24 21.30
CA GLN A 54 8.23 -7.16 22.09
C GLN A 54 9.70 -6.73 22.09
N GLU A 55 10.13 -6.11 20.99
CA GLU A 55 11.51 -5.68 20.88
C GLU A 55 11.88 -4.73 22.03
N GLY A 56 13.10 -4.87 22.51
CA GLY A 56 13.58 -4.05 23.61
C GLY A 56 14.00 -2.64 23.23
N PRO A 57 14.39 -1.83 24.21
CA PRO A 57 14.83 -0.45 24.02
C PRO A 57 15.93 -0.28 22.99
N GLU A 58 16.91 -1.18 23.00
CA GLU A 58 18.01 -1.08 22.06
C GLU A 58 17.51 -1.17 20.62
N TYR A 59 16.49 -1.99 20.40
CA TYR A 59 15.95 -2.13 19.06
C TYR A 59 15.41 -0.78 18.62
N TRP A 60 14.48 -0.24 19.42
CA TRP A 60 13.87 1.04 19.12
C TRP A 60 14.86 2.18 19.01
N ASP A 61 15.89 2.17 19.86
CA ASP A 61 16.89 3.22 19.79
C ASP A 61 17.66 3.11 18.49
N GLY A 62 18.05 1.89 18.15
CA GLY A 62 18.79 1.67 16.92
C GLY A 62 17.97 1.96 15.68
N GLU A 63 16.71 1.54 15.65
CA GLU A 63 15.86 1.78 14.47
C GLU A 63 15.61 3.27 14.31
N THR A 64 15.51 3.95 15.44
CA THR A 64 15.30 5.38 15.40
C THR A 64 16.54 6.06 14.86
N ARG A 65 17.70 5.68 15.38
CA ARG A 65 18.95 6.27 14.93
C ARG A 65 19.11 6.02 13.43
N LYS A 66 18.90 4.78 13.00
CA LYS A 66 19.02 4.47 11.60
C LYS A 66 17.99 5.22 10.74
N VAL A 67 16.73 5.24 11.15
CA VAL A 67 15.73 5.90 10.33
C VAL A 67 15.98 7.41 10.26
N LYS A 68 16.50 8.00 11.35
CA LYS A 68 16.81 9.43 11.29
C LYS A 68 17.97 9.62 10.31
N ALA A 69 18.94 8.70 10.33
CA ALA A 69 20.06 8.79 9.38
C ALA A 69 19.48 8.69 7.98
N HIS A 70 18.51 7.79 7.78
CA HIS A 70 17.89 7.67 6.46
C HIS A 70 17.25 8.98 6.05
N SER A 71 16.50 9.62 6.94
CA SER A 71 15.83 10.86 6.56
C SER A 71 16.85 11.92 6.12
N GLN A 72 17.99 11.98 6.80
CA GLN A 72 18.99 12.97 6.43
C GLN A 72 19.57 12.66 5.06
N THR A 73 19.77 11.38 4.76
CA THR A 73 20.31 11.00 3.45
C THR A 73 19.35 11.46 2.38
N HIS A 74 18.05 11.25 2.64
CA HIS A 74 17.03 11.66 1.68
C HIS A 74 17.01 13.16 1.54
N ARG A 75 17.24 13.86 2.65
CA ARG A 75 17.27 15.31 2.62
C ARG A 75 18.38 15.73 1.65
N VAL A 76 19.55 15.16 1.85
CA VAL A 76 20.68 15.49 0.98
C VAL A 76 20.36 15.11 -0.46
N ASP A 77 19.78 13.92 -0.62
CA ASP A 77 19.43 13.45 -1.96
C ASP A 77 18.54 14.43 -2.70
N LEU A 78 17.53 14.94 -2.01
CA LEU A 78 16.63 15.90 -2.64
C LEU A 78 17.42 17.06 -3.22
N GLY A 79 18.45 17.50 -2.49
CA GLY A 79 19.27 18.59 -2.98
C GLY A 79 20.13 18.13 -4.14
N THR A 80 20.75 16.98 -4.00
CA THR A 80 21.60 16.47 -5.07
C THR A 80 20.84 16.32 -6.38
N LEU A 81 19.66 15.72 -6.30
CA LEU A 81 18.83 15.49 -7.48
C LEU A 81 18.36 16.79 -8.11
N ARG A 82 18.04 17.78 -7.27
CA ARG A 82 17.60 19.07 -7.76
C ARG A 82 18.69 19.58 -8.70
N GLY A 83 19.95 19.42 -8.28
CA GLY A 83 21.08 19.84 -9.10
C GLY A 83 21.23 19.02 -10.36
N TYR A 84 21.27 17.69 -10.21
CA TYR A 84 21.40 16.80 -11.37
C TYR A 84 20.36 17.12 -12.41
N TYR A 85 19.13 17.41 -11.98
CA TYR A 85 18.06 17.70 -12.93
C TYR A 85 17.94 19.18 -13.24
N ASN A 86 18.86 19.96 -12.71
CA ASN A 86 18.88 21.40 -12.93
C ASN A 86 17.53 22.01 -12.64
N GLN A 87 16.95 21.63 -11.50
CA GLN A 87 15.64 22.12 -11.15
C GLN A 87 15.67 23.30 -10.17
N SER A 88 14.58 24.05 -10.14
CA SER A 88 14.46 25.21 -9.26
C SER A 88 14.42 24.80 -7.80
N GLU A 89 14.83 25.70 -6.93
CA GLU A 89 14.82 25.43 -5.51
C GLU A 89 13.44 25.69 -4.94
N ALA A 90 12.60 26.36 -5.72
CA ALA A 90 11.27 26.70 -5.27
C ALA A 90 10.25 25.57 -5.33
N GLY A 91 10.49 24.56 -6.16
CA GLY A 91 9.55 23.47 -6.28
C GLY A 91 9.71 22.33 -5.29
N SER A 92 8.60 21.65 -4.99
CA SER A 92 8.64 20.54 -4.08
C SER A 92 8.91 19.27 -4.90
N HIS A 93 9.82 18.43 -4.42
CA HIS A 93 10.13 17.20 -5.12
C HIS A 93 10.06 16.04 -4.16
N THR A 94 10.04 14.84 -4.70
CA THR A 94 9.90 13.64 -3.89
C THR A 94 10.93 12.60 -4.18
N VAL A 95 11.52 12.03 -3.13
CA VAL A 95 12.44 10.93 -3.34
C VAL A 95 11.82 9.79 -2.57
N GLN A 96 11.80 8.62 -3.20
CA GLN A 96 11.26 7.44 -2.55
C GLN A 96 12.31 6.36 -2.65
N ARG A 97 12.30 5.48 -1.67
CA ARG A 97 13.25 4.39 -1.67
C ARG A 97 12.48 3.24 -1.09
N MET A 98 12.71 2.05 -1.61
CA MET A 98 12.06 0.88 -1.09
C MET A 98 13.11 -0.19 -1.12
N TYR A 99 13.19 -0.99 -0.08
CA TYR A 99 14.15 -2.06 -0.09
C TYR A 99 13.69 -3.13 0.83
N GLY A 100 14.26 -4.30 0.68
CA GLY A 100 13.84 -5.39 1.51
C GLY A 100 14.24 -6.69 0.87
N CYS A 101 13.76 -7.78 1.46
CA CYS A 101 14.11 -9.08 1.00
C CYS A 101 12.91 -9.99 1.07
N ASP A 102 12.99 -11.08 0.32
CA ASP A 102 11.95 -12.08 0.32
C ASP A 102 12.62 -13.37 0.72
N VAL A 103 11.87 -14.22 1.39
CA VAL A 103 12.38 -15.53 1.74
C VAL A 103 11.42 -16.44 0.99
N GLY A 104 11.94 -17.53 0.46
CA GLY A 104 11.08 -18.43 -0.27
C GLY A 104 10.34 -19.38 0.64
N SER A 105 9.70 -20.38 0.04
CA SER A 105 8.96 -21.36 0.81
C SER A 105 9.92 -22.14 1.70
N ASP A 106 11.19 -22.21 1.28
CA ASP A 106 12.22 -22.91 2.04
C ASP A 106 12.74 -22.04 3.16
N TRP A 107 12.15 -20.85 3.28
CA TRP A 107 12.51 -19.89 4.32
C TRP A 107 13.92 -19.34 4.17
N ARG A 108 14.51 -19.53 3.00
CA ARG A 108 15.83 -19.00 2.79
C ARG A 108 15.67 -17.80 1.87
N PHE A 109 16.71 -16.99 1.81
CA PHE A 109 16.73 -15.82 0.96
C PHE A 109 16.25 -16.20 -0.43
N LEU A 110 15.36 -15.39 -0.98
CA LEU A 110 14.87 -15.65 -2.31
C LEU A 110 15.36 -14.48 -3.13
N ARG A 111 15.09 -13.27 -2.66
CA ARG A 111 15.56 -12.13 -3.41
C ARG A 111 15.63 -10.86 -2.60
N GLY A 112 16.39 -9.91 -3.12
CA GLY A 112 16.51 -8.64 -2.42
C GLY A 112 16.23 -7.53 -3.39
N TYR A 113 15.89 -6.37 -2.84
CA TYR A 113 15.63 -5.26 -3.71
C TYR A 113 16.00 -3.97 -2.99
N HIS A 114 16.35 -2.99 -3.79
CA HIS A 114 16.71 -1.68 -3.27
C HIS A 114 16.58 -0.76 -4.46
N GLN A 115 15.48 -0.03 -4.50
CA GLN A 115 15.23 0.86 -5.61
C GLN A 115 14.88 2.25 -5.11
N TYR A 116 15.08 3.20 -6.01
CA TYR A 116 14.89 4.60 -5.71
C TYR A 116 14.14 5.26 -6.84
N ALA A 117 13.28 6.21 -6.49
CA ALA A 117 12.51 6.96 -7.48
C ALA A 117 12.65 8.43 -7.17
N TYR A 118 12.61 9.24 -8.21
CA TYR A 118 12.65 10.67 -8.02
C TYR A 118 11.43 11.14 -8.76
N ASP A 119 10.62 11.95 -8.07
CA ASP A 119 9.37 12.44 -8.58
C ASP A 119 8.48 11.40 -9.23
N GLY A 120 8.39 10.25 -8.57
CA GLY A 120 7.53 9.19 -9.03
C GLY A 120 8.00 8.33 -10.17
N LYS A 121 9.25 8.46 -10.59
CA LYS A 121 9.76 7.63 -11.66
C LYS A 121 11.05 6.95 -11.23
N ASP A 122 11.25 5.74 -11.75
CA ASP A 122 12.45 4.98 -11.48
C ASP A 122 13.64 5.88 -11.62
N TYR A 123 14.54 5.79 -10.65
CA TYR A 123 15.74 6.58 -10.71
C TYR A 123 16.85 5.55 -10.85
N ILE A 124 17.08 4.78 -9.80
CA ILE A 124 18.10 3.74 -9.85
C ILE A 124 17.62 2.56 -9.01
N ALA A 125 17.95 1.35 -9.44
CA ALA A 125 17.50 0.16 -8.74
C ALA A 125 18.59 -0.89 -8.82
N LEU A 126 18.72 -1.64 -7.74
CA LEU A 126 19.69 -2.71 -7.68
C LEU A 126 19.05 -3.80 -8.52
N LYS A 127 19.82 -4.47 -9.38
CA LYS A 127 19.25 -5.55 -10.19
C LYS A 127 19.08 -6.78 -9.30
N GLU A 128 18.38 -7.77 -9.83
CA GLU A 128 18.10 -9.00 -9.11
C GLU A 128 19.37 -9.72 -8.62
N ASP A 129 20.43 -9.65 -9.42
CA ASP A 129 21.68 -10.29 -9.03
C ASP A 129 22.36 -9.54 -7.89
N LEU A 130 21.77 -8.42 -7.49
CA LEU A 130 22.29 -7.61 -6.39
C LEU A 130 23.75 -7.22 -6.59
N ARG A 131 24.16 -7.06 -7.85
CA ARG A 131 25.53 -6.71 -8.11
C ARG A 131 25.66 -5.56 -9.09
N SER A 132 24.59 -5.33 -9.85
CA SER A 132 24.57 -4.25 -10.81
C SER A 132 23.39 -3.36 -10.56
N TRP A 133 23.44 -2.19 -11.18
CA TRP A 133 22.43 -1.18 -11.05
C TRP A 133 21.76 -0.85 -12.36
N THR A 134 20.49 -0.52 -12.25
CA THR A 134 19.72 -0.09 -13.41
C THR A 134 19.52 1.40 -13.16
N ALA A 135 20.08 2.22 -14.05
CA ALA A 135 19.97 3.67 -13.95
C ALA A 135 19.06 4.06 -15.10
N ALA A 136 17.98 4.78 -14.80
CA ALA A 136 17.02 5.15 -15.81
C ALA A 136 17.44 6.27 -16.73
N ASP A 137 18.28 7.17 -16.24
CA ASP A 137 18.72 8.28 -17.06
C ASP A 137 20.14 8.67 -16.67
N MET A 138 20.61 9.78 -17.21
CA MET A 138 21.97 10.19 -16.97
C MET A 138 22.21 10.73 -15.58
N ALA A 139 21.16 11.20 -14.90
CA ALA A 139 21.33 11.67 -13.51
C ALA A 139 21.60 10.37 -12.72
N ALA A 140 20.72 9.39 -12.91
CA ALA A 140 20.86 8.10 -12.25
C ALA A 140 22.19 7.46 -12.62
N GLN A 141 22.62 7.65 -13.86
CA GLN A 141 23.90 7.09 -14.32
C GLN A 141 25.05 7.60 -13.45
N THR A 142 24.99 8.88 -13.08
CA THR A 142 26.06 9.45 -12.27
C THR A 142 26.04 8.81 -10.89
N THR A 143 24.84 8.56 -10.38
CA THR A 143 24.70 7.93 -9.07
C THR A 143 25.27 6.52 -9.18
N LYS A 144 24.90 5.86 -10.27
CA LYS A 144 25.38 4.51 -10.53
C LYS A 144 26.91 4.45 -10.52
N HIS A 145 27.55 5.41 -11.18
CA HIS A 145 29.00 5.42 -11.23
C HIS A 145 29.59 5.56 -9.84
N LYS A 146 29.01 6.45 -9.05
CA LYS A 146 29.48 6.69 -7.70
C LYS A 146 29.22 5.47 -6.82
N TRP A 147 28.05 4.86 -6.97
CA TRP A 147 27.74 3.69 -6.16
C TRP A 147 28.59 2.49 -6.55
N GLU A 148 28.97 2.38 -7.82
CA GLU A 148 29.82 1.27 -8.23
C GLU A 148 31.21 1.43 -7.61
N ALA A 149 31.70 2.67 -7.60
CA ALA A 149 33.03 2.97 -7.05
C ALA A 149 33.05 2.78 -5.53
N ALA A 150 31.94 3.10 -4.88
CA ALA A 150 31.85 2.95 -3.44
C ALA A 150 31.42 1.54 -3.05
N HIS A 151 31.17 0.71 -4.05
CA HIS A 151 30.76 -0.69 -3.82
C HIS A 151 29.50 -0.78 -2.98
N VAL A 152 28.57 0.10 -3.24
CA VAL A 152 27.31 0.12 -2.51
C VAL A 152 26.56 -1.20 -2.66
N ALA A 153 26.56 -1.76 -3.86
CA ALA A 153 25.87 -3.01 -4.11
C ALA A 153 26.32 -4.12 -3.18
N GLU A 154 27.63 -4.26 -3.03
CA GLU A 154 28.16 -5.30 -2.15
C GLU A 154 27.61 -5.13 -0.75
N GLN A 155 27.66 -3.91 -0.23
CA GLN A 155 27.16 -3.62 1.11
C GLN A 155 25.68 -3.94 1.25
N LEU A 156 24.90 -3.55 0.25
CA LEU A 156 23.47 -3.83 0.26
C LEU A 156 23.22 -5.31 0.20
N ARG A 157 23.94 -5.98 -0.70
CA ARG A 157 23.77 -7.41 -0.86
C ARG A 157 23.95 -8.13 0.47
N ALA A 158 24.93 -7.68 1.25
CA ALA A 158 25.20 -8.28 2.56
C ALA A 158 24.01 -8.14 3.48
N TYR A 159 23.39 -6.96 3.47
CA TYR A 159 22.23 -6.71 4.31
C TYR A 159 21.04 -7.52 3.79
N LEU A 160 20.78 -7.43 2.50
CA LEU A 160 19.65 -8.10 1.88
C LEU A 160 19.66 -9.63 2.04
N GLU A 161 20.82 -10.24 1.88
CA GLU A 161 20.92 -11.70 1.98
C GLU A 161 21.15 -12.15 3.43
N GLY A 162 21.64 -11.25 4.27
CA GLY A 162 21.90 -11.62 5.65
C GLY A 162 20.94 -11.00 6.64
N THR A 163 21.33 -9.87 7.19
CA THR A 163 20.51 -9.15 8.16
C THR A 163 19.02 -9.10 7.83
N CYS A 164 18.70 -8.64 6.63
CA CYS A 164 17.32 -8.51 6.22
C CYS A 164 16.55 -9.81 6.42
N VAL A 165 17.08 -10.90 5.89
CA VAL A 165 16.40 -12.19 6.03
C VAL A 165 16.34 -12.65 7.47
N GLU A 166 17.43 -12.43 8.21
CA GLU A 166 17.46 -12.84 9.61
C GLU A 166 16.38 -12.18 10.43
N TRP A 167 16.21 -10.87 10.24
CA TRP A 167 15.18 -10.16 10.99
C TRP A 167 13.79 -10.51 10.50
N LEU A 168 13.66 -10.69 9.19
CA LEU A 168 12.37 -11.06 8.63
C LEU A 168 11.89 -12.36 9.30
N ARG A 169 12.79 -13.33 9.39
CA ARG A 169 12.48 -14.61 10.02
C ARG A 169 12.17 -14.41 11.50
N ARG A 170 12.87 -13.48 12.14
CA ARG A 170 12.62 -13.20 13.53
C ARG A 170 11.21 -12.65 13.71
N TYR A 171 10.84 -11.67 12.89
CA TYR A 171 9.51 -11.07 13.00
C TYR A 171 8.43 -12.09 12.72
N LEU A 172 8.67 -12.93 11.72
CA LEU A 172 7.71 -13.96 11.33
C LEU A 172 7.44 -14.88 12.48
N GLU A 173 8.48 -15.20 13.24
CA GLU A 173 8.32 -16.07 14.40
C GLU A 173 7.58 -15.30 15.47
N ASN A 174 8.09 -14.13 15.80
CA ASN A 174 7.47 -13.33 16.84
C ASN A 174 6.01 -13.01 16.60
N GLY A 175 5.63 -12.78 15.35
CA GLY A 175 4.24 -12.47 15.09
C GLY A 175 3.55 -13.58 14.33
N LYS A 176 4.04 -14.80 14.50
CA LYS A 176 3.48 -15.93 13.80
C LYS A 176 1.98 -16.09 13.90
N GLU A 177 1.41 -15.70 15.05
CA GLU A 177 -0.01 -15.83 15.25
C GLU A 177 -0.83 -15.16 14.14
N THR A 178 -0.29 -14.11 13.54
CA THR A 178 -0.98 -13.41 12.47
C THR A 178 -0.17 -13.50 11.17
N LEU A 179 1.11 -13.18 11.26
CA LEU A 179 1.97 -13.22 10.07
C LEU A 179 2.02 -14.57 9.35
N GLN A 180 2.00 -15.67 10.10
CA GLN A 180 2.05 -16.98 9.46
C GLN A 180 0.67 -17.62 9.36
N ARG A 181 -0.34 -16.79 9.51
CA ARG A 181 -1.73 -17.23 9.43
C ARG A 181 -2.33 -16.61 8.19
N THR A 182 -3.03 -17.42 7.40
CA THR A 182 -3.68 -16.88 6.23
C THR A 182 -5.14 -16.74 6.63
N ASP A 183 -5.76 -15.64 6.21
CA ASP A 183 -7.16 -15.42 6.49
C ASP A 183 -7.84 -15.59 5.14
N ALA A 184 -8.55 -16.70 4.99
CA ALA A 184 -9.26 -17.01 3.75
C ALA A 184 -10.33 -15.98 3.54
N PRO A 185 -10.53 -15.55 2.28
CA PRO A 185 -11.57 -14.55 2.07
C PRO A 185 -12.93 -15.09 2.46
N LYS A 186 -13.72 -14.27 3.11
CA LYS A 186 -15.07 -14.64 3.48
C LYS A 186 -15.82 -14.18 2.23
N THR A 187 -16.46 -15.12 1.56
CA THR A 187 -17.12 -14.74 0.32
C THR A 187 -18.60 -14.87 0.30
N HIS A 188 -19.22 -14.06 -0.55
CA HIS A 188 -20.65 -14.11 -0.74
C HIS A 188 -20.96 -13.32 -1.99
N MET A 189 -22.16 -13.52 -2.51
CA MET A 189 -22.57 -12.83 -3.71
C MET A 189 -23.80 -12.03 -3.38
N THR A 190 -23.94 -10.88 -4.03
CA THR A 190 -25.11 -10.04 -3.85
C THR A 190 -25.70 -9.90 -5.26
N HIS A 191 -26.99 -9.62 -5.30
CA HIS A 191 -27.73 -9.49 -6.53
C HIS A 191 -28.42 -8.12 -6.55
N HIS A 192 -28.26 -7.39 -7.65
CA HIS A 192 -28.89 -6.08 -7.77
C HIS A 192 -29.49 -5.90 -9.17
N ALA A 193 -30.80 -5.74 -9.25
CA ALA A 193 -31.45 -5.54 -10.54
C ALA A 193 -31.07 -4.14 -11.05
N VAL A 194 -30.63 -4.05 -12.30
CA VAL A 194 -30.26 -2.76 -12.86
C VAL A 194 -31.33 -2.31 -13.85
N SER A 195 -32.25 -3.23 -14.15
CA SER A 195 -33.35 -2.99 -15.07
C SER A 195 -34.27 -4.19 -14.95
N ASP A 196 -35.29 -4.25 -15.80
CA ASP A 196 -36.22 -5.37 -15.74
C ASP A 196 -35.62 -6.62 -16.38
N HIS A 197 -34.60 -6.41 -17.20
CA HIS A 197 -33.97 -7.48 -17.95
C HIS A 197 -32.53 -7.81 -17.55
N GLU A 198 -31.93 -6.94 -16.75
CA GLU A 198 -30.54 -7.15 -16.35
C GLU A 198 -30.33 -7.02 -14.86
N ALA A 199 -29.34 -7.77 -14.37
CA ALA A 199 -29.00 -7.74 -12.96
C ALA A 199 -27.49 -7.74 -12.83
N THR A 200 -27.02 -7.27 -11.69
CA THR A 200 -25.60 -7.27 -11.43
C THR A 200 -25.37 -8.27 -10.32
N LEU A 201 -24.41 -9.16 -10.54
CA LEU A 201 -24.03 -10.14 -9.54
C LEU A 201 -22.71 -9.59 -9.06
N ARG A 202 -22.58 -9.44 -7.76
CA ARG A 202 -21.33 -8.94 -7.25
C ARG A 202 -20.79 -9.98 -6.31
N CYS A 203 -19.58 -10.41 -6.60
CA CYS A 203 -18.91 -11.41 -5.83
C CYS A 203 -17.94 -10.75 -4.88
N TRP A 204 -18.21 -10.93 -3.58
CA TRP A 204 -17.39 -10.34 -2.53
C TRP A 204 -16.38 -11.27 -1.90
N ALA A 205 -15.20 -10.74 -1.62
CA ALA A 205 -14.15 -11.50 -0.95
C ALA A 205 -13.78 -10.53 0.16
N LEU A 206 -14.05 -10.92 1.41
CA LEU A 206 -13.81 -10.02 2.52
C LEU A 206 -12.91 -10.56 3.62
N SER A 207 -12.33 -9.64 4.37
CA SER A 207 -11.49 -9.98 5.51
C SER A 207 -10.40 -10.98 5.25
N PHE A 208 -9.77 -10.90 4.08
CA PHE A 208 -8.71 -11.85 3.76
C PHE A 208 -7.32 -11.28 3.95
N TYR A 209 -6.38 -12.20 4.10
CA TYR A 209 -4.98 -11.88 4.28
C TYR A 209 -4.22 -13.13 3.85
N PRO A 210 -3.16 -12.96 3.05
CA PRO A 210 -2.64 -11.69 2.53
C PRO A 210 -3.53 -11.05 1.46
N ALA A 211 -3.10 -9.90 0.94
CA ALA A 211 -3.88 -9.16 -0.04
C ALA A 211 -4.02 -9.81 -1.41
N GLU A 212 -3.03 -10.60 -1.80
CA GLU A 212 -3.05 -11.27 -3.10
C GLU A 212 -4.29 -12.15 -3.23
N ILE A 213 -5.02 -11.97 -4.32
CA ILE A 213 -6.21 -12.73 -4.55
C ILE A 213 -6.61 -12.58 -6.02
N THR A 214 -7.36 -13.55 -6.49
CA THR A 214 -7.86 -13.53 -7.85
C THR A 214 -9.33 -13.85 -7.85
N LEU A 215 -10.12 -12.99 -8.49
CA LEU A 215 -11.54 -13.23 -8.61
C LEU A 215 -11.78 -13.24 -10.08
N THR A 216 -12.43 -14.28 -10.56
CA THR A 216 -12.72 -14.43 -11.96
C THR A 216 -14.17 -14.85 -12.14
N TRP A 217 -14.78 -14.40 -13.22
CA TRP A 217 -16.15 -14.77 -13.51
C TRP A 217 -16.11 -15.73 -14.70
N GLN A 218 -16.99 -16.72 -14.66
CA GLN A 218 -17.11 -17.65 -15.76
C GLN A 218 -18.58 -17.71 -16.08
N ARG A 219 -18.90 -17.87 -17.37
CA ARG A 219 -20.29 -18.00 -17.79
C ARG A 219 -20.27 -19.38 -18.45
N ASP A 220 -21.09 -20.29 -17.95
CA ASP A 220 -21.13 -21.64 -18.50
C ASP A 220 -19.78 -22.30 -18.60
N GLY A 221 -18.97 -22.13 -17.56
CA GLY A 221 -17.67 -22.76 -17.54
C GLY A 221 -16.52 -22.12 -18.28
N GLU A 222 -16.71 -20.93 -18.85
CA GLU A 222 -15.59 -20.28 -19.52
C GLU A 222 -15.46 -18.88 -18.99
N ASP A 223 -14.22 -18.47 -18.73
CA ASP A 223 -13.95 -17.15 -18.21
C ASP A 223 -14.64 -16.06 -19.01
N GLN A 224 -15.20 -15.10 -18.29
CA GLN A 224 -15.85 -13.98 -18.92
C GLN A 224 -15.27 -12.69 -18.35
N THR A 225 -14.81 -11.80 -19.23
CA THR A 225 -14.26 -10.52 -18.78
C THR A 225 -15.21 -9.42 -19.24
N GLN A 226 -15.92 -9.65 -20.34
CA GLN A 226 -16.86 -8.62 -20.79
C GLN A 226 -17.99 -8.50 -19.78
N ASP A 227 -18.63 -7.35 -19.73
CA ASP A 227 -19.75 -7.16 -18.83
C ASP A 227 -19.30 -7.27 -17.36
N THR A 228 -17.99 -7.27 -17.09
CA THR A 228 -17.52 -7.38 -15.70
C THR A 228 -16.76 -6.16 -15.20
N GLU A 229 -16.57 -6.13 -13.89
CA GLU A 229 -15.84 -5.04 -13.27
C GLU A 229 -15.23 -5.57 -12.00
N LEU A 230 -13.94 -5.31 -11.79
CA LEU A 230 -13.30 -5.76 -10.57
C LEU A 230 -12.57 -4.58 -9.94
N VAL A 231 -12.90 -4.27 -8.70
CA VAL A 231 -12.26 -3.17 -8.01
C VAL A 231 -10.90 -3.58 -7.50
N GLU A 232 -10.04 -2.59 -7.30
CA GLU A 232 -8.72 -2.89 -6.81
C GLU A 232 -8.87 -3.36 -5.38
N THR A 233 -7.97 -4.24 -5.00
CA THR A 233 -7.99 -4.78 -3.64
C THR A 233 -7.75 -3.60 -2.70
N ARG A 234 -8.56 -3.55 -1.65
CA ARG A 234 -8.51 -2.45 -0.69
C ARG A 234 -8.44 -2.96 0.75
N PRO A 235 -7.83 -2.17 1.63
CA PRO A 235 -7.70 -2.53 3.04
C PRO A 235 -9.00 -2.30 3.78
N ALA A 236 -9.38 -3.27 4.60
CA ALA A 236 -10.58 -3.14 5.39
C ALA A 236 -10.25 -2.17 6.53
N GLY A 237 -8.97 -2.09 6.89
CA GLY A 237 -8.55 -1.18 7.95
C GLY A 237 -8.24 -1.89 9.26
N ASP A 238 -8.50 -3.20 9.31
CA ASP A 238 -8.23 -3.99 10.49
C ASP A 238 -7.15 -5.01 10.14
N GLY A 239 -6.35 -4.68 9.12
CA GLY A 239 -5.27 -5.55 8.70
C GLY A 239 -5.66 -6.52 7.60
N THR A 240 -6.95 -6.62 7.29
CA THR A 240 -7.34 -7.53 6.21
C THR A 240 -7.70 -6.73 4.99
N PHE A 241 -8.04 -7.46 3.94
CA PHE A 241 -8.36 -6.84 2.66
C PHE A 241 -9.71 -7.27 2.13
N GLN A 242 -10.16 -6.51 1.15
CA GLN A 242 -11.45 -6.70 0.51
C GLN A 242 -11.30 -6.52 -0.98
N LYS A 243 -12.20 -7.17 -1.71
CA LYS A 243 -12.22 -7.04 -3.15
C LYS A 243 -13.51 -7.62 -3.62
N TRP A 244 -13.97 -7.14 -4.75
CA TRP A 244 -15.16 -7.71 -5.34
C TRP A 244 -15.08 -7.60 -6.83
N ALA A 245 -15.82 -8.48 -7.49
CA ALA A 245 -15.86 -8.48 -8.93
C ALA A 245 -17.33 -8.59 -9.23
N ALA A 246 -17.78 -7.93 -10.28
CA ALA A 246 -19.19 -7.95 -10.61
C ALA A 246 -19.37 -8.22 -12.09
N VAL A 247 -20.57 -8.69 -12.44
CA VAL A 247 -20.89 -8.97 -13.83
C VAL A 247 -22.35 -8.64 -14.03
N VAL A 248 -22.66 -8.09 -15.19
CA VAL A 248 -24.03 -7.79 -15.50
C VAL A 248 -24.48 -8.99 -16.31
N VAL A 249 -25.64 -9.53 -15.94
CA VAL A 249 -26.15 -10.70 -16.62
C VAL A 249 -27.62 -10.52 -16.93
N PRO A 250 -28.14 -11.31 -17.87
CA PRO A 250 -29.56 -11.22 -18.21
C PRO A 250 -30.30 -11.78 -17.01
N SER A 251 -31.31 -11.05 -16.54
CA SER A 251 -32.09 -11.51 -15.40
C SER A 251 -32.63 -12.90 -15.70
N GLY A 252 -32.54 -13.80 -14.74
CA GLY A 252 -33.02 -15.15 -14.95
C GLY A 252 -31.89 -16.08 -15.35
N GLN A 253 -30.79 -15.53 -15.84
CA GLN A 253 -29.66 -16.38 -16.26
C GLN A 253 -28.52 -16.38 -15.24
N GLU A 254 -28.78 -15.89 -14.03
CA GLU A 254 -27.74 -15.83 -12.99
C GLU A 254 -27.02 -17.16 -12.76
N GLN A 255 -27.74 -18.27 -12.83
CA GLN A 255 -27.18 -19.61 -12.60
C GLN A 255 -26.02 -19.97 -13.51
N ARG A 256 -25.92 -19.33 -14.67
CA ARG A 256 -24.83 -19.63 -15.61
C ARG A 256 -23.50 -19.06 -15.18
N TYR A 257 -23.57 -18.08 -14.30
CA TYR A 257 -22.37 -17.41 -13.85
C TYR A 257 -21.81 -17.89 -12.54
N THR A 258 -20.51 -18.08 -12.52
CA THR A 258 -19.86 -18.52 -11.30
C THR A 258 -18.69 -17.58 -11.01
N CYS A 259 -18.48 -17.31 -9.74
CA CYS A 259 -17.38 -16.47 -9.34
C CYS A 259 -16.32 -17.38 -8.78
N HIS A 260 -15.10 -17.20 -9.23
CA HIS A 260 -14.01 -18.04 -8.77
C HIS A 260 -13.03 -17.25 -7.96
N VAL A 261 -12.77 -17.74 -6.75
CA VAL A 261 -11.86 -17.07 -5.84
C VAL A 261 -10.65 -17.92 -5.54
N GLN A 262 -9.49 -17.38 -5.86
CA GLN A 262 -8.25 -18.06 -5.60
C GLN A 262 -7.53 -17.23 -4.56
N HIS A 263 -7.08 -17.88 -3.50
CA HIS A 263 -6.37 -17.18 -2.45
C HIS A 263 -5.50 -18.21 -1.75
N GLU A 264 -4.38 -17.76 -1.23
CA GLU A 264 -3.44 -18.64 -0.54
C GLU A 264 -4.12 -19.35 0.62
N GLY A 265 -5.10 -18.67 1.22
CA GLY A 265 -5.81 -19.23 2.36
C GLY A 265 -6.84 -20.29 2.04
N LEU A 266 -7.05 -20.53 0.74
CA LEU A 266 -8.02 -21.51 0.26
C LEU A 266 -7.33 -22.74 -0.35
N PRO A 267 -7.48 -23.92 0.30
CA PRO A 267 -6.87 -25.17 -0.19
C PRO A 267 -7.18 -25.33 -1.68
N LYS A 268 -8.44 -25.11 -2.04
CA LYS A 268 -8.84 -25.19 -3.43
C LYS A 268 -9.63 -23.93 -3.70
N PRO A 269 -9.56 -23.40 -4.93
CA PRO A 269 -10.32 -22.18 -5.19
C PRO A 269 -11.81 -22.37 -4.89
N LEU A 270 -12.45 -21.29 -4.46
CA LEU A 270 -13.87 -21.30 -4.16
C LEU A 270 -14.62 -20.93 -5.41
N THR A 271 -15.82 -21.48 -5.55
CA THR A 271 -16.67 -21.19 -6.70
C THR A 271 -18.00 -20.77 -6.10
N LEU A 272 -18.49 -19.60 -6.47
CA LEU A 272 -19.77 -19.11 -5.98
C LEU A 272 -20.72 -19.00 -7.17
N ARG A 273 -22.00 -19.30 -6.91
CA ARG A 273 -23.03 -19.24 -7.93
C ARG A 273 -24.24 -18.65 -7.22
N TRP A 274 -24.91 -17.71 -7.87
CA TRP A 274 -26.06 -17.08 -7.25
C TRP A 274 -27.17 -18.08 -6.93
N GLU A 275 -27.77 -17.88 -5.76
CA GLU A 275 -28.87 -18.70 -5.25
C GLU A 275 -29.88 -19.04 -6.34
N ILE B 1 6.74 13.02 -12.32
CA ILE B 1 5.42 12.86 -12.99
C ILE B 1 4.31 12.99 -11.96
N GLN B 2 3.10 13.12 -12.44
CA GLN B 2 1.96 13.23 -11.54
C GLN B 2 1.04 12.09 -11.90
N ARG B 3 0.31 11.63 -10.91
CA ARG B 3 -0.63 10.53 -11.12
C ARG B 3 -1.83 10.87 -10.27
N THR B 4 -3.00 10.80 -10.89
CA THR B 4 -4.24 11.15 -10.23
C THR B 4 -4.76 10.03 -9.32
N PRO B 5 -5.29 10.40 -8.15
CA PRO B 5 -5.79 9.40 -7.22
C PRO B 5 -6.99 8.56 -7.66
N LYS B 6 -6.91 7.27 -7.37
CA LYS B 6 -8.02 6.36 -7.60
C LYS B 6 -8.65 6.46 -6.22
N ILE B 7 -9.97 6.32 -6.14
CA ILE B 7 -10.65 6.47 -4.86
C ILE B 7 -11.73 5.43 -4.66
N GLN B 8 -11.83 4.90 -3.44
CA GLN B 8 -12.88 3.94 -3.11
C GLN B 8 -13.40 4.33 -1.73
N VAL B 9 -14.71 4.44 -1.60
CA VAL B 9 -15.32 4.77 -0.32
C VAL B 9 -16.13 3.54 0.01
N TYR B 10 -15.93 3.04 1.22
CA TYR B 10 -16.59 1.81 1.64
C TYR B 10 -16.48 1.63 3.14
N SER B 11 -17.34 0.77 3.68
CA SER B 11 -17.36 0.48 5.11
C SER B 11 -16.46 -0.72 5.37
N ARG B 12 -15.87 -0.78 6.56
CA ARG B 12 -15.03 -1.91 6.89
C ARG B 12 -15.89 -3.18 6.95
N HIS B 13 -17.06 -3.08 7.58
CA HIS B 13 -17.96 -4.23 7.72
C HIS B 13 -19.23 -3.98 6.97
N PRO B 14 -19.99 -5.05 6.68
CA PRO B 14 -21.25 -4.89 5.95
C PRO B 14 -22.06 -3.79 6.60
N ALA B 15 -22.61 -2.90 5.79
CA ALA B 15 -23.39 -1.79 6.29
C ALA B 15 -24.70 -2.26 6.91
N GLU B 16 -24.93 -1.85 8.15
CA GLU B 16 -26.14 -2.19 8.86
C GLU B 16 -26.53 -0.99 9.70
N ASN B 17 -27.65 -0.38 9.36
CA ASN B 17 -28.12 0.79 10.07
C ASN B 17 -28.12 0.55 11.56
N GLY B 18 -27.72 1.57 12.31
CA GLY B 18 -27.68 1.46 13.75
C GLY B 18 -26.49 0.74 14.30
N LYS B 19 -25.73 0.04 13.45
CA LYS B 19 -24.57 -0.68 13.95
C LYS B 19 -23.26 0.02 13.68
N SER B 20 -22.47 0.22 14.73
CA SER B 20 -21.16 0.87 14.66
C SER B 20 -20.34 0.24 13.56
N ASN B 21 -19.58 1.05 12.85
CA ASN B 21 -18.79 0.55 11.73
C ASN B 21 -17.66 1.54 11.51
N PHE B 22 -16.96 1.36 10.40
CA PHE B 22 -15.86 2.25 10.05
C PHE B 22 -16.01 2.66 8.60
N LEU B 23 -15.94 3.97 8.34
CA LEU B 23 -16.07 4.48 6.99
C LEU B 23 -14.66 4.70 6.48
N ASN B 24 -14.36 4.07 5.36
CA ASN B 24 -13.04 4.15 4.75
C ASN B 24 -13.04 4.89 3.45
N CYS B 25 -11.93 5.56 3.19
CA CYS B 25 -11.74 6.22 1.91
C CYS B 25 -10.32 5.83 1.57
N TYR B 26 -10.19 4.93 0.62
CA TYR B 26 -8.88 4.46 0.20
C TYR B 26 -8.48 5.21 -1.05
N VAL B 27 -7.40 5.97 -0.96
CA VAL B 27 -6.93 6.72 -2.11
C VAL B 27 -5.63 6.06 -2.52
N SER B 28 -5.46 5.82 -3.81
CA SER B 28 -4.25 5.16 -4.26
C SER B 28 -3.87 5.58 -5.67
N GLY B 29 -2.70 5.12 -6.12
CA GLY B 29 -2.22 5.40 -7.46
C GLY B 29 -1.87 6.85 -7.72
N PHE B 30 -1.75 7.66 -6.68
CA PHE B 30 -1.43 9.07 -6.88
C PHE B 30 0.03 9.45 -6.65
N HIS B 31 0.37 10.61 -7.19
CA HIS B 31 1.70 11.16 -7.06
C HIS B 31 1.54 12.60 -7.52
N PRO B 32 2.11 13.55 -6.78
CA PRO B 32 2.90 13.42 -5.55
C PRO B 32 2.04 12.97 -4.34
N SER B 33 2.66 12.87 -3.17
CA SER B 33 1.93 12.38 -1.99
C SER B 33 1.02 13.37 -1.29
N ASP B 34 1.24 14.66 -1.50
CA ASP B 34 0.39 15.64 -0.85
C ASP B 34 -1.02 15.45 -1.39
N ILE B 35 -1.96 15.23 -0.49
CA ILE B 35 -3.33 15.02 -0.90
C ILE B 35 -4.19 15.47 0.27
N GLU B 36 -5.41 15.88 -0.07
CA GLU B 36 -6.35 16.33 0.94
C GLU B 36 -7.49 15.35 0.86
N VAL B 37 -7.77 14.68 1.96
CA VAL B 37 -8.86 13.69 1.98
C VAL B 37 -9.73 13.91 3.19
N ASP B 38 -11.01 14.15 2.96
CA ASP B 38 -11.95 14.36 4.06
C ASP B 38 -13.12 13.43 3.89
N LEU B 39 -13.59 12.89 5.00
CA LEU B 39 -14.75 12.03 4.96
C LEU B 39 -15.88 12.99 5.31
N LEU B 40 -16.98 12.91 4.58
CA LEU B 40 -18.09 13.81 4.84
C LEU B 40 -19.33 13.09 5.33
N LYS B 41 -20.09 13.76 6.18
CA LYS B 41 -21.34 13.25 6.70
C LYS B 41 -22.35 14.31 6.28
N ASN B 42 -23.21 13.95 5.33
CA ASN B 42 -24.20 14.88 4.81
C ASN B 42 -23.54 16.18 4.37
N GLY B 43 -22.52 16.03 3.52
CA GLY B 43 -21.80 17.17 2.99
C GLY B 43 -20.85 17.87 3.93
N GLU B 44 -20.93 17.56 5.22
CA GLU B 44 -20.07 18.20 6.20
C GLU B 44 -18.89 17.34 6.63
N ARG B 45 -17.71 17.97 6.70
CA ARG B 45 -16.50 17.28 7.07
C ARG B 45 -16.53 16.67 8.47
N ILE B 46 -16.04 15.44 8.57
CA ILE B 46 -15.98 14.72 9.85
C ILE B 46 -14.61 15.02 10.45
N GLU B 47 -14.61 15.35 11.73
CA GLU B 47 -13.38 15.71 12.44
C GLU B 47 -12.51 14.57 12.96
N LYS B 48 -13.13 13.52 13.47
CA LYS B 48 -12.36 12.40 14.00
C LYS B 48 -11.94 11.41 12.93
N VAL B 49 -11.29 11.90 11.88
CA VAL B 49 -10.83 11.03 10.80
C VAL B 49 -9.33 10.80 10.93
N GLU B 50 -8.93 9.54 10.79
CA GLU B 50 -7.52 9.21 10.86
C GLU B 50 -7.10 8.60 9.53
N HIS B 51 -5.81 8.45 9.34
CA HIS B 51 -5.33 7.85 8.11
C HIS B 51 -4.09 7.03 8.37
N SER B 52 -3.90 6.06 7.49
CA SER B 52 -2.76 5.16 7.57
C SER B 52 -1.49 5.94 7.26
N ASP B 53 -0.35 5.34 7.56
CA ASP B 53 0.93 5.97 7.28
C ASP B 53 1.22 5.82 5.79
N LEU B 54 1.67 6.90 5.19
CA LEU B 54 1.96 6.94 3.78
C LEU B 54 2.84 5.81 3.26
N SER B 55 2.36 5.10 2.25
CA SER B 55 3.16 4.04 1.66
C SER B 55 2.93 4.13 0.17
N PHE B 56 3.62 3.29 -0.59
CA PHE B 56 3.46 3.36 -2.04
C PHE B 56 3.61 2.02 -2.66
N SER B 57 3.15 1.92 -3.90
CA SER B 57 3.17 0.67 -4.62
C SER B 57 4.43 0.50 -5.47
N LYS B 58 4.51 -0.64 -6.13
CA LYS B 58 5.66 -0.96 -6.97
C LYS B 58 5.95 0.13 -7.99
N ASP B 59 4.91 0.75 -8.52
CA ASP B 59 5.08 1.81 -9.53
C ASP B 59 5.36 3.17 -8.89
N TRP B 60 5.60 3.19 -7.58
CA TRP B 60 5.92 4.40 -6.83
C TRP B 60 4.75 5.28 -6.43
N SER B 61 3.57 4.97 -6.95
CA SER B 61 2.38 5.77 -6.62
C SER B 61 1.97 5.48 -5.18
N PHE B 62 1.42 6.50 -4.54
CA PHE B 62 1.05 6.43 -3.13
C PHE B 62 -0.33 5.90 -2.86
N TYR B 63 -0.53 5.41 -1.64
CA TYR B 63 -1.84 4.97 -1.20
C TYR B 63 -1.99 5.28 0.28
N LEU B 64 -3.20 5.67 0.63
CA LEU B 64 -3.54 6.03 1.99
C LEU B 64 -4.97 5.63 2.30
N LEU B 65 -5.19 5.15 3.52
CA LEU B 65 -6.53 4.81 3.94
C LEU B 65 -6.94 5.83 4.97
N TYR B 66 -8.05 6.51 4.72
CA TYR B 66 -8.58 7.47 5.66
C TYR B 66 -9.81 6.78 6.23
N TYR B 67 -10.01 6.88 7.53
CA TYR B 67 -11.13 6.19 8.12
C TYR B 67 -11.64 6.85 9.39
N THR B 68 -12.90 6.57 9.69
CA THR B 68 -13.47 7.10 10.91
C THR B 68 -14.54 6.15 11.36
N GLU B 69 -14.74 6.09 12.67
CA GLU B 69 -15.74 5.26 13.28
C GLU B 69 -17.06 5.95 12.93
N PHE B 70 -18.09 5.19 12.61
CA PHE B 70 -19.39 5.78 12.29
C PHE B 70 -20.51 4.77 12.36
N THR B 71 -21.74 5.25 12.49
CA THR B 71 -22.89 4.38 12.54
C THR B 71 -23.82 4.77 11.41
N PRO B 72 -23.92 3.95 10.36
CA PRO B 72 -24.79 4.24 9.23
C PRO B 72 -26.28 4.25 9.56
N THR B 73 -27.03 5.02 8.77
CA THR B 73 -28.48 5.12 8.92
C THR B 73 -29.05 5.12 7.52
N GLU B 74 -30.37 5.00 7.41
CA GLU B 74 -30.99 4.98 6.09
C GLU B 74 -30.92 6.35 5.43
N LYS B 75 -30.90 7.39 6.25
CA LYS B 75 -30.85 8.76 5.77
C LYS B 75 -29.45 9.33 5.57
N ASP B 76 -28.66 9.39 6.64
CA ASP B 76 -27.31 9.95 6.57
C ASP B 76 -26.53 9.54 5.31
N GLU B 77 -25.99 10.54 4.62
CA GLU B 77 -25.20 10.32 3.41
C GLU B 77 -23.73 10.46 3.75
N TYR B 78 -22.91 9.56 3.22
CA TYR B 78 -21.49 9.65 3.48
C TYR B 78 -20.72 9.72 2.18
N ALA B 79 -19.56 10.36 2.22
CA ALA B 79 -18.76 10.45 1.02
C ALA B 79 -17.34 10.82 1.36
N CYS B 80 -16.50 10.75 0.34
CA CYS B 80 -15.11 11.10 0.51
C CYS B 80 -14.79 12.22 -0.46
N ARG B 81 -14.16 13.28 0.05
CA ARG B 81 -13.79 14.42 -0.75
C ARG B 81 -12.27 14.40 -0.89
N VAL B 82 -11.80 14.28 -2.12
CA VAL B 82 -10.37 14.23 -2.38
C VAL B 82 -9.90 15.41 -3.22
N ASN B 83 -8.80 16.03 -2.78
CA ASN B 83 -8.24 17.13 -3.53
C ASN B 83 -6.75 16.80 -3.73
N HIS B 84 -6.31 16.88 -4.97
CA HIS B 84 -4.91 16.59 -5.31
C HIS B 84 -4.51 17.54 -6.44
N VAL B 85 -3.22 17.78 -6.55
CA VAL B 85 -2.72 18.69 -7.56
C VAL B 85 -3.19 18.30 -8.97
N THR B 86 -3.40 17.01 -9.19
CA THR B 86 -3.85 16.54 -10.49
C THR B 86 -5.31 16.82 -10.77
N LEU B 87 -6.03 17.29 -9.77
CA LEU B 87 -7.46 17.57 -9.90
C LEU B 87 -7.79 19.06 -10.03
N SER B 88 -8.61 19.40 -11.02
CA SER B 88 -9.02 20.80 -11.22
C SER B 88 -9.83 21.26 -10.03
N GLN B 89 -10.66 20.35 -9.51
CA GLN B 89 -11.51 20.64 -8.39
C GLN B 89 -11.59 19.39 -7.51
N PRO B 90 -11.87 19.57 -6.21
CA PRO B 90 -11.96 18.42 -5.31
C PRO B 90 -12.95 17.39 -5.85
N LYS B 91 -12.55 16.12 -5.84
CA LYS B 91 -13.41 15.05 -6.33
C LYS B 91 -14.19 14.47 -5.15
N ILE B 92 -15.49 14.24 -5.34
CA ILE B 92 -16.31 13.70 -4.27
C ILE B 92 -16.88 12.34 -4.66
N VAL B 93 -16.61 11.34 -3.83
CA VAL B 93 -17.09 9.99 -4.10
C VAL B 93 -18.07 9.63 -2.99
N LYS B 94 -19.32 9.41 -3.38
CA LYS B 94 -20.36 9.08 -2.44
C LYS B 94 -20.22 7.64 -1.99
N TRP B 95 -20.53 7.38 -0.73
CA TRP B 95 -20.44 6.02 -0.24
C TRP B 95 -21.68 5.24 -0.66
N ASP B 96 -21.44 4.07 -1.25
CA ASP B 96 -22.51 3.18 -1.67
C ASP B 96 -22.34 1.89 -0.89
N ARG B 97 -23.29 1.56 -0.02
CA ARG B 97 -23.24 0.35 0.80
C ARG B 97 -22.99 -0.92 -0.01
N ASP B 98 -23.41 -0.92 -1.26
CA ASP B 98 -23.25 -2.10 -2.11
C ASP B 98 -21.92 -2.21 -2.83
N MET B 99 -21.00 -1.30 -2.58
CA MET B 99 -19.71 -1.34 -3.24
C MET B 99 -18.50 -1.17 -2.34
N ALA C 1 14.42 -5.01 10.60
CA ALA C 1 15.46 -4.03 11.02
C ALA C 1 16.00 -3.31 9.79
N LEU C 2 16.09 -2.00 9.91
CA LEU C 2 16.59 -1.15 8.85
C LEU C 2 18.03 -1.41 8.49
N TYR C 3 18.39 -1.05 7.27
CA TYR C 3 19.76 -1.18 6.82
C TYR C 3 20.53 -0.12 7.61
N ASN C 4 21.81 -0.34 7.84
CA ASN C 4 22.60 0.63 8.61
C ASN C 4 23.07 1.85 7.81
N THR C 5 23.95 1.65 6.85
CA THR C 5 24.46 2.77 6.07
C THR C 5 23.74 2.97 4.74
N ALA C 6 23.33 4.21 4.47
CA ALA C 6 22.64 4.54 3.23
C ALA C 6 23.50 5.54 2.45
N ALA C 7 23.91 5.15 1.25
CA ALA C 7 24.75 5.99 0.40
C ALA C 7 23.92 7.04 -0.31
N ALA C 8 24.42 8.27 -0.35
CA ALA C 8 23.70 9.36 -0.99
C ALA C 8 23.76 9.23 -2.52
N LEU C 9 22.71 9.70 -3.19
CA LEU C 9 22.65 9.66 -4.65
C LEU C 9 23.71 10.55 -5.27
#